data_1UR3
#
_entry.id   1UR3
#
_cell.length_a   87.722
_cell.length_b   87.722
_cell.length_c   66.168
_cell.angle_alpha   90.00
_cell.angle_beta   90.00
_cell.angle_gamma   120.00
#
_symmetry.space_group_name_H-M   'P 63'
#
loop_
_entity.id
_entity.type
_entity.pdbx_description
1 polymer 'HYPOTHETICAL OXIDOREDUCTASE YDHF'
2 non-polymer 'SULFATE ION'
3 water water
#
_entity_poly.entity_id   1
_entity_poly.type   'polypeptide(L)'
_entity_poly.pdbx_seq_one_letter_code
;(MSE)SYYHHHHHHLESTSLYKKAGLVQRITIAPQGPEFSRFV(MSE)GYWRL(MSE)DWN(MSE)SARQLVSFIEEHLD
LGVTTVDHADIYGGYQCEAAFGEALKLAPHLRER(MSE)EIVSKCGIATTAREENVIGHYITDRDHIIKSAEQSLINLAT
DHLDLLLIHRPDPL(MSE)DADEVADAFKHLHQSGKVRHFGVSNFTPAQFALLQSRLPFTLATNQVEISPVHQPLLLDGT
LDQLQQLRVRP(MSE)AWSCLGGGRLFNDDYFQPLRDELAVVAEELNAGSIEQVVNAWVLRLPSQPLPIIGSGKIERVRA
AVEAETLK(MSE)TRQQWFRIRKAALGYDVP
;
_entity_poly.pdbx_strand_id   M
#
# COMPACT_ATOMS: atom_id res chain seq x y z
N LEU A 22 14.42 6.47 -13.74
CA LEU A 22 13.25 6.60 -12.82
C LEU A 22 13.07 5.33 -11.97
N VAL A 23 11.84 5.17 -11.48
CA VAL A 23 11.44 4.02 -10.67
C VAL A 23 10.93 2.98 -11.68
N GLN A 24 11.18 1.69 -11.44
CA GLN A 24 10.72 0.69 -12.37
C GLN A 24 9.18 0.65 -12.45
N ARG A 25 8.67 0.31 -13.64
CA ARG A 25 7.25 0.18 -13.88
C ARG A 25 6.92 -1.31 -13.73
N ILE A 26 5.73 -1.65 -13.23
CA ILE A 26 5.37 -3.05 -13.06
C ILE A 26 3.86 -3.29 -13.19
N THR A 27 3.49 -4.31 -13.95
CA THR A 27 2.10 -4.69 -14.16
C THR A 27 1.72 -5.52 -12.94
N ILE A 28 0.88 -4.97 -12.07
CA ILE A 28 0.52 -5.67 -10.83
C ILE A 28 -0.19 -7.02 -10.91
N ALA A 29 -0.78 -7.34 -12.05
CA ALA A 29 -1.48 -8.62 -12.20
C ALA A 29 -1.89 -8.90 -13.65
N PRO A 30 -2.21 -10.16 -13.95
CA PRO A 30 -2.62 -10.57 -15.29
C PRO A 30 -3.34 -9.54 -16.14
N GLN A 31 -4.59 -9.24 -15.85
CA GLN A 31 -5.29 -8.24 -16.65
C GLN A 31 -5.23 -6.88 -15.95
N GLY A 32 -4.33 -6.76 -14.98
CA GLY A 32 -4.22 -5.52 -14.22
C GLY A 32 -3.55 -4.33 -14.87
N PRO A 33 -3.39 -3.23 -14.11
CA PRO A 33 -2.77 -2.00 -14.59
C PRO A 33 -1.25 -1.95 -14.38
N GLU A 34 -0.59 -0.98 -15.01
CA GLU A 34 0.83 -0.79 -14.83
C GLU A 34 0.98 0.24 -13.72
N PHE A 35 1.82 -0.07 -12.73
CA PHE A 35 2.08 0.80 -11.59
C PHE A 35 3.59 1.08 -11.51
N SER A 36 3.99 1.97 -10.61
CA SER A 36 5.41 2.23 -10.44
C SER A 36 5.78 1.36 -9.24
N ARG A 37 6.90 0.64 -9.36
CA ARG A 37 7.40 -0.25 -8.31
C ARG A 37 7.20 0.33 -6.92
N PHE A 38 7.42 1.63 -6.79
CA PHE A 38 7.25 2.30 -5.52
C PHE A 38 6.04 3.19 -5.59
N VAL A 39 5.21 3.12 -4.55
CA VAL A 39 4.01 3.96 -4.54
C VAL A 39 4.10 4.94 -3.38
N GLY A 41 2.40 6.73 -0.43
CA GLY A 41 1.25 6.50 0.43
C GLY A 41 0.93 7.73 1.25
N TYR A 42 -0.31 8.21 1.13
CA TYR A 42 -0.73 9.39 1.89
C TYR A 42 -1.47 9.03 3.18
N TRP A 43 -0.93 8.08 3.92
CA TRP A 43 -1.54 7.65 5.17
C TRP A 43 -1.44 8.76 6.19
N ARG A 44 -0.28 9.43 6.22
CA ARG A 44 -0.05 10.50 7.17
C ARG A 44 0.05 11.91 6.59
N LEU A 45 -0.75 12.17 5.55
CA LEU A 45 -0.79 13.47 4.91
C LEU A 45 -1.10 14.62 5.88
N ASP A 47 -0.43 14.68 9.17
CA ASP A 47 0.73 14.83 10.04
C ASP A 47 1.77 15.79 9.46
N TRP A 48 1.84 15.84 8.12
CA TRP A 48 2.80 16.70 7.44
C TRP A 48 2.47 18.18 7.50
N ASN A 49 1.33 18.53 8.09
CA ASN A 49 0.93 19.92 8.18
C ASN A 49 1.34 20.63 6.90
N SER A 51 0.33 22.37 3.05
CA SER A 51 -0.74 23.15 2.44
C SER A 51 -1.03 22.62 1.03
N ALA A 52 -2.17 23.01 0.47
CA ALA A 52 -2.55 22.57 -0.86
C ALA A 52 -1.51 22.84 -1.95
N ARG A 53 -0.94 24.04 -1.98
CA ARG A 53 0.05 24.36 -3.01
C ARG A 53 1.39 23.70 -2.72
N GLN A 54 1.59 23.27 -1.48
CA GLN A 54 2.81 22.58 -1.08
C GLN A 54 2.72 21.11 -1.47
N LEU A 55 1.50 20.59 -1.58
CA LEU A 55 1.25 19.21 -1.95
C LEU A 55 1.29 19.06 -3.47
N VAL A 56 0.74 20.02 -4.20
CA VAL A 56 0.77 19.97 -5.66
C VAL A 56 2.23 19.92 -6.14
N SER A 57 3.10 20.57 -5.38
CA SER A 57 4.53 20.59 -5.70
C SER A 57 5.25 19.38 -5.13
N PHE A 58 4.71 18.81 -4.04
CA PHE A 58 5.31 17.60 -3.46
C PHE A 58 5.04 16.47 -4.42
N ILE A 59 3.82 16.45 -4.93
CA ILE A 59 3.35 15.45 -5.87
C ILE A 59 4.21 15.48 -7.14
N GLU A 60 4.24 16.63 -7.79
CA GLU A 60 5.01 16.79 -9.02
C GLU A 60 6.40 16.20 -8.83
N GLU A 61 7.06 16.58 -7.75
CA GLU A 61 8.40 16.09 -7.45
C GLU A 61 8.48 14.58 -7.31
N HIS A 62 7.47 13.93 -6.75
CA HIS A 62 7.57 12.48 -6.68
C HIS A 62 7.11 11.88 -8.00
N LEU A 63 6.28 12.62 -8.74
CA LEU A 63 5.84 12.16 -10.05
C LEU A 63 7.05 12.18 -10.99
N ASP A 64 7.88 13.21 -10.84
CA ASP A 64 9.10 13.36 -11.64
C ASP A 64 10.17 12.33 -11.26
N LEU A 65 10.17 11.90 -10.01
CA LEU A 65 11.12 10.89 -9.54
C LEU A 65 10.77 9.55 -10.20
N GLY A 66 9.50 9.38 -10.55
CA GLY A 66 9.07 8.14 -11.15
C GLY A 66 7.91 7.52 -10.40
N VAL A 67 7.77 7.87 -9.12
CA VAL A 67 6.68 7.37 -8.30
C VAL A 67 5.38 8.01 -8.77
N THR A 68 4.58 7.27 -9.53
CA THR A 68 3.34 7.79 -10.07
C THR A 68 2.05 7.16 -9.51
N THR A 69 2.19 6.13 -8.67
CA THR A 69 1.03 5.46 -8.08
C THR A 69 0.85 5.95 -6.64
N VAL A 70 -0.35 6.44 -6.31
CA VAL A 70 -0.61 6.97 -4.98
C VAL A 70 -1.61 6.14 -4.17
N ASP A 71 -1.27 5.89 -2.91
CA ASP A 71 -2.14 5.08 -2.06
C ASP A 71 -2.94 5.87 -1.05
N HIS A 72 -4.26 5.79 -1.19
CA HIS A 72 -5.22 6.45 -0.31
C HIS A 72 -6.16 5.40 0.28
N ALA A 73 -6.93 5.78 1.29
CA ALA A 73 -7.89 4.88 1.90
C ALA A 73 -9.03 5.60 2.58
N ASP A 74 -10.10 4.85 2.80
CA ASP A 74 -11.31 5.33 3.45
C ASP A 74 -11.02 6.12 4.72
N ILE A 75 -10.83 5.39 5.80
CA ILE A 75 -10.58 5.92 7.14
C ILE A 75 -9.29 6.71 7.43
N TYR A 76 -8.36 6.74 6.48
CA TYR A 76 -7.09 7.45 6.68
C TYR A 76 -7.20 8.94 7.05
N GLY A 77 -6.73 9.28 8.25
CA GLY A 77 -6.77 10.65 8.72
C GLY A 77 -8.14 11.10 9.18
N GLY A 78 -8.91 10.18 9.74
CA GLY A 78 -10.25 10.51 10.21
C GLY A 78 -11.13 11.00 9.07
N TYR A 79 -11.00 10.35 7.91
CA TYR A 79 -11.78 10.71 6.72
C TYR A 79 -11.45 12.10 6.19
N GLN A 80 -10.17 12.48 6.24
CA GLN A 80 -9.74 13.81 5.79
C GLN A 80 -8.70 13.83 4.68
N CYS A 81 -7.83 12.82 4.66
CA CYS A 81 -6.76 12.75 3.68
C CYS A 81 -7.17 12.81 2.20
N GLU A 82 -8.23 12.10 1.82
CA GLU A 82 -8.67 12.14 0.44
C GLU A 82 -9.04 13.57 0.07
N ALA A 83 -9.80 14.22 0.94
CA ALA A 83 -10.23 15.58 0.74
C ALA A 83 -9.03 16.50 0.54
N ALA A 84 -8.06 16.39 1.44
CA ALA A 84 -6.86 17.22 1.37
C ALA A 84 -6.16 17.03 0.04
N PHE A 85 -5.86 15.79 -0.31
CA PHE A 85 -5.19 15.48 -1.58
C PHE A 85 -5.97 16.13 -2.71
N GLY A 86 -7.30 15.98 -2.65
CA GLY A 86 -8.17 16.55 -3.67
C GLY A 86 -7.99 18.04 -3.89
N GLU A 87 -8.04 18.80 -2.81
CA GLU A 87 -7.86 20.25 -2.92
C GLU A 87 -6.65 20.52 -3.80
N ALA A 88 -5.56 19.80 -3.54
CA ALA A 88 -4.31 19.95 -4.29
C ALA A 88 -4.45 19.52 -5.75
N LEU A 89 -5.20 18.45 -5.97
CA LEU A 89 -5.39 17.96 -7.33
C LEU A 89 -6.19 19.03 -8.08
N LYS A 90 -6.95 19.82 -7.33
CA LYS A 90 -7.75 20.88 -7.93
C LYS A 90 -6.88 22.01 -8.48
N LEU A 91 -5.75 22.27 -7.84
CA LEU A 91 -4.83 23.32 -8.28
C LEU A 91 -4.12 23.00 -9.59
N ALA A 92 -3.85 21.71 -9.83
CA ALA A 92 -3.19 21.29 -11.06
C ALA A 92 -3.94 20.10 -11.67
N PRO A 93 -5.18 20.35 -12.15
CA PRO A 93 -6.02 19.31 -12.75
C PRO A 93 -5.33 18.35 -13.73
N HIS A 94 -4.27 18.82 -14.38
CA HIS A 94 -3.57 17.99 -15.35
C HIS A 94 -2.66 16.94 -14.70
N LEU A 95 -2.60 16.93 -13.37
CA LEU A 95 -1.76 15.98 -12.64
C LEU A 95 -2.35 14.58 -12.60
N ARG A 96 -3.65 14.46 -12.87
CA ARG A 96 -4.28 13.16 -12.85
C ARG A 96 -3.66 12.22 -13.85
N GLU A 97 -3.74 12.56 -15.13
CA GLU A 97 -3.19 11.73 -16.20
C GLU A 97 -1.83 11.14 -15.86
N ARG A 98 -1.01 11.92 -15.16
CA ARG A 98 0.34 11.47 -14.78
C ARG A 98 0.41 10.50 -13.61
N GLU A 100 -1.71 7.33 -10.93
CA GLU A 100 -2.64 6.20 -10.80
C GLU A 100 -3.12 6.28 -9.35
N ILE A 101 -4.42 6.38 -9.15
CA ILE A 101 -4.94 6.48 -7.79
C ILE A 101 -5.47 5.17 -7.24
N VAL A 102 -5.09 4.89 -5.99
CA VAL A 102 -5.53 3.69 -5.28
C VAL A 102 -6.21 4.14 -3.99
N SER A 103 -7.42 3.62 -3.74
CA SER A 103 -8.15 3.93 -2.51
C SER A 103 -8.82 2.69 -1.95
N LYS A 104 -9.32 2.77 -0.73
CA LYS A 104 -9.93 1.61 -0.10
C LYS A 104 -11.23 1.91 0.63
N CYS A 105 -11.93 0.84 1.00
CA CYS A 105 -13.18 0.93 1.76
C CYS A 105 -13.43 -0.40 2.47
N GLY A 106 -14.33 -0.39 3.45
CA GLY A 106 -14.63 -1.62 4.17
C GLY A 106 -14.39 -1.50 5.67
N ILE A 107 -13.72 -0.43 6.09
CA ILE A 107 -13.43 -0.22 7.51
C ILE A 107 -14.25 0.92 8.13
N ALA A 108 -14.72 0.72 9.36
CA ALA A 108 -15.51 1.71 10.08
C ALA A 108 -14.85 2.03 11.41
N THR A 109 -14.26 3.22 11.47
CA THR A 109 -13.54 3.69 12.66
C THR A 109 -14.39 4.58 13.58
N THR A 110 -13.98 4.67 14.84
CA THR A 110 -14.70 5.48 15.81
C THR A 110 -14.50 6.97 15.56
N ALA A 111 -13.87 7.31 14.44
CA ALA A 111 -13.66 8.71 14.10
C ALA A 111 -15.01 9.31 13.70
N ARG A 112 -16.00 8.43 13.54
CA ARG A 112 -17.36 8.81 13.18
C ARG A 112 -18.32 8.40 14.30
N GLU A 113 -19.35 9.21 14.52
CA GLU A 113 -20.33 8.95 15.56
C GLU A 113 -21.29 7.80 15.25
N GLU A 114 -21.30 7.37 13.99
CA GLU A 114 -22.18 6.26 13.60
C GLU A 114 -21.51 4.99 14.10
N ASN A 115 -20.19 5.03 14.18
CA ASN A 115 -19.39 3.88 14.62
C ASN A 115 -18.93 3.99 16.07
N VAL A 116 -19.75 3.49 16.98
CA VAL A 116 -19.44 3.51 18.40
C VAL A 116 -18.30 2.53 18.65
N ILE A 117 -18.15 1.57 17.74
CA ILE A 117 -17.11 0.56 17.85
C ILE A 117 -16.48 0.33 16.47
N GLY A 118 -15.25 -0.16 16.47
CA GLY A 118 -14.56 -0.43 15.21
C GLY A 118 -15.04 -1.75 14.63
N HIS A 119 -15.83 -1.66 13.56
CA HIS A 119 -16.35 -2.84 12.90
C HIS A 119 -16.11 -2.70 11.40
N TYR A 120 -16.45 -3.75 10.65
CA TYR A 120 -16.27 -3.72 9.20
C TYR A 120 -17.61 -3.56 8.51
N ILE A 121 -17.57 -2.99 7.31
CA ILE A 121 -18.79 -2.78 6.53
C ILE A 121 -18.45 -3.07 5.08
N THR A 122 -18.72 -4.28 4.63
CA THR A 122 -18.43 -4.65 3.25
C THR A 122 -19.72 -5.00 2.53
N ASP A 123 -20.75 -4.22 2.80
CA ASP A 123 -22.07 -4.41 2.20
C ASP A 123 -22.11 -3.58 0.93
N ARG A 124 -22.90 -4.03 -0.05
CA ARG A 124 -23.00 -3.36 -1.35
C ARG A 124 -23.06 -1.86 -1.36
N ASP A 125 -24.19 -1.30 -0.94
CA ASP A 125 -24.36 0.15 -0.94
C ASP A 125 -23.22 0.92 -0.29
N HIS A 126 -22.69 0.40 0.80
CA HIS A 126 -21.59 1.09 1.47
C HIS A 126 -20.31 1.12 0.64
N ILE A 127 -20.01 0.04 -0.07
CA ILE A 127 -18.83 -0.01 -0.93
C ILE A 127 -19.01 0.99 -2.06
N ILE A 128 -20.23 1.07 -2.60
CA ILE A 128 -20.51 2.02 -3.67
C ILE A 128 -20.43 3.43 -3.09
N LYS A 129 -20.99 3.59 -1.90
CA LYS A 129 -21.00 4.86 -1.18
C LYS A 129 -19.58 5.41 -1.07
N SER A 130 -18.72 4.69 -0.33
CA SER A 130 -17.33 5.11 -0.12
C SER A 130 -16.61 5.35 -1.43
N ALA A 131 -16.80 4.47 -2.40
CA ALA A 131 -16.16 4.62 -3.69
C ALA A 131 -16.51 5.99 -4.25
N GLU A 132 -17.80 6.21 -4.50
CA GLU A 132 -18.26 7.49 -5.05
C GLU A 132 -17.81 8.67 -4.19
N GLN A 133 -17.69 8.47 -2.89
CA GLN A 133 -17.23 9.54 -2.01
C GLN A 133 -15.76 9.83 -2.24
N SER A 134 -15.03 8.81 -2.68
CA SER A 134 -13.61 8.97 -2.96
C SER A 134 -13.46 9.87 -4.19
N LEU A 135 -14.19 9.55 -5.25
CA LEU A 135 -14.13 10.35 -6.46
C LEU A 135 -14.32 11.82 -6.13
N ILE A 136 -15.33 12.11 -5.32
CA ILE A 136 -15.61 13.49 -4.94
C ILE A 136 -14.47 14.10 -4.13
N ASN A 137 -14.11 13.45 -3.02
CA ASN A 137 -13.04 13.96 -2.18
C ASN A 137 -11.73 14.12 -2.95
N LEU A 138 -11.40 13.15 -3.81
CA LEU A 138 -10.17 13.20 -4.58
C LEU A 138 -10.26 14.10 -5.80
N ALA A 139 -11.45 14.58 -6.10
CA ALA A 139 -11.64 15.45 -7.26
C ALA A 139 -11.18 14.72 -8.52
N THR A 140 -11.80 13.59 -8.78
CA THR A 140 -11.49 12.81 -9.97
C THR A 140 -12.73 12.08 -10.39
N ASP A 141 -12.82 11.81 -11.69
CA ASP A 141 -13.96 11.11 -12.24
C ASP A 141 -13.73 9.60 -12.16
N HIS A 142 -12.54 9.18 -11.74
CA HIS A 142 -12.27 7.75 -11.63
C HIS A 142 -11.09 7.30 -10.77
N LEU A 143 -11.24 6.12 -10.18
CA LEU A 143 -10.18 5.52 -9.36
C LEU A 143 -9.58 4.38 -10.19
N ASP A 144 -8.26 4.31 -10.23
CA ASP A 144 -7.58 3.26 -10.98
C ASP A 144 -7.77 1.92 -10.28
N LEU A 145 -7.73 1.93 -8.96
CA LEU A 145 -7.88 0.69 -8.18
C LEU A 145 -8.61 0.93 -6.85
N LEU A 146 -9.49 -0.01 -6.51
CA LEU A 146 -10.25 0.06 -5.28
C LEU A 146 -10.03 -1.25 -4.54
N LEU A 147 -9.75 -1.16 -3.24
CA LEU A 147 -9.50 -2.34 -2.43
C LEU A 147 -10.47 -2.48 -1.25
N ILE A 148 -10.81 -3.72 -0.91
CA ILE A 148 -11.65 -3.96 0.25
C ILE A 148 -10.57 -3.86 1.33
N HIS A 149 -10.73 -2.89 2.23
CA HIS A 149 -9.75 -2.61 3.30
C HIS A 149 -9.29 -3.79 4.14
N ARG A 150 -10.23 -4.60 4.59
CA ARG A 150 -9.89 -5.76 5.39
C ARG A 150 -10.91 -6.84 5.18
N PRO A 151 -10.56 -8.07 5.59
CA PRO A 151 -11.49 -9.18 5.43
C PRO A 151 -12.49 -9.12 6.59
N ASP A 152 -13.76 -9.11 6.24
CA ASP A 152 -14.81 -9.05 7.25
C ASP A 152 -15.40 -10.45 7.47
N PRO A 153 -15.49 -10.90 8.74
CA PRO A 153 -16.05 -12.22 8.98
C PRO A 153 -17.45 -12.29 8.36
N LEU A 154 -18.08 -11.13 8.23
CA LEU A 154 -19.43 -11.06 7.66
C LEU A 154 -19.44 -10.75 6.18
N ASP A 156 -19.63 -11.11 2.29
CA ASP A 156 -20.33 -11.96 1.34
C ASP A 156 -19.77 -11.68 -0.05
N ALA A 157 -18.87 -12.53 -0.49
CA ALA A 157 -18.24 -12.39 -1.80
C ALA A 157 -19.20 -11.97 -2.92
N ASP A 158 -20.44 -12.45 -2.87
CA ASP A 158 -21.44 -12.12 -3.90
C ASP A 158 -21.79 -10.66 -3.81
N GLU A 159 -22.04 -10.21 -2.59
CA GLU A 159 -22.41 -8.82 -2.35
C GLU A 159 -21.28 -7.87 -2.78
N VAL A 160 -20.05 -8.16 -2.37
CA VAL A 160 -18.92 -7.32 -2.75
C VAL A 160 -18.74 -7.34 -4.25
N ALA A 161 -18.76 -8.54 -4.83
CA ALA A 161 -18.60 -8.70 -6.26
C ALA A 161 -19.70 -7.95 -7.03
N ASP A 162 -20.86 -7.80 -6.41
CA ASP A 162 -21.99 -7.10 -7.03
C ASP A 162 -21.71 -5.60 -6.96
N ALA A 163 -21.01 -5.20 -5.91
CA ALA A 163 -20.65 -3.80 -5.72
C ALA A 163 -19.61 -3.43 -6.78
N PHE A 164 -18.61 -4.29 -6.92
CA PHE A 164 -17.54 -4.06 -7.89
C PHE A 164 -18.10 -3.96 -9.31
N LYS A 165 -19.06 -4.80 -9.64
CA LYS A 165 -19.65 -4.81 -10.97
C LYS A 165 -20.35 -3.48 -11.27
N HIS A 166 -20.91 -2.87 -10.24
CA HIS A 166 -21.59 -1.60 -10.39
C HIS A 166 -20.57 -0.48 -10.65
N LEU A 167 -19.59 -0.36 -9.75
CA LEU A 167 -18.57 0.66 -9.88
C LEU A 167 -17.81 0.56 -11.20
N HIS A 168 -17.58 -0.66 -11.66
CA HIS A 168 -16.86 -0.88 -12.90
C HIS A 168 -17.69 -0.50 -14.13
N GLN A 169 -18.96 -0.89 -14.09
CA GLN A 169 -19.91 -0.63 -15.17
C GLN A 169 -19.98 0.84 -15.60
N SER A 170 -19.64 1.74 -14.67
CA SER A 170 -19.69 3.17 -14.94
C SER A 170 -18.33 3.80 -15.19
N GLY A 171 -17.30 2.97 -15.24
CA GLY A 171 -15.94 3.46 -15.47
C GLY A 171 -15.39 4.23 -14.28
N LYS A 172 -16.15 4.25 -13.18
CA LYS A 172 -15.76 4.95 -11.97
C LYS A 172 -14.55 4.29 -11.32
N VAL A 173 -14.48 2.97 -11.41
CA VAL A 173 -13.36 2.19 -10.87
C VAL A 173 -12.96 1.24 -11.98
N ARG A 174 -11.66 1.13 -12.26
CA ARG A 174 -11.22 0.26 -13.33
C ARG A 174 -10.55 -1.05 -12.94
N HIS A 175 -10.06 -1.13 -11.71
CA HIS A 175 -9.42 -2.34 -11.26
C HIS A 175 -9.77 -2.53 -9.79
N PHE A 176 -9.96 -3.77 -9.38
CA PHE A 176 -10.31 -4.06 -7.99
C PHE A 176 -9.30 -4.94 -7.27
N GLY A 177 -9.16 -4.70 -5.97
CA GLY A 177 -8.23 -5.48 -5.18
C GLY A 177 -8.67 -5.65 -3.75
N VAL A 178 -7.77 -6.19 -2.94
CA VAL A 178 -8.03 -6.42 -1.52
C VAL A 178 -6.78 -6.07 -0.72
N SER A 179 -6.94 -6.00 0.59
CA SER A 179 -5.85 -5.68 1.48
C SER A 179 -5.97 -6.53 2.74
N ASN A 180 -4.87 -7.11 3.18
CA ASN A 180 -4.85 -7.94 4.38
C ASN A 180 -5.82 -9.10 4.30
N PHE A 181 -5.83 -9.80 3.16
CA PHE A 181 -6.71 -10.96 2.99
C PHE A 181 -5.83 -12.22 3.11
N THR A 182 -6.38 -13.29 3.68
CA THR A 182 -5.61 -14.53 3.78
C THR A 182 -5.91 -15.26 2.50
N PRO A 183 -5.01 -16.18 2.09
CA PRO A 183 -5.20 -16.95 0.86
C PRO A 183 -6.65 -17.42 0.71
N ALA A 184 -7.24 -17.89 1.80
CA ALA A 184 -8.61 -18.39 1.77
C ALA A 184 -9.64 -17.31 1.45
N GLN A 185 -9.46 -16.13 2.02
CA GLN A 185 -10.38 -15.02 1.78
C GLN A 185 -10.17 -14.50 0.37
N PHE A 186 -8.93 -14.33 -0.03
CA PHE A 186 -8.62 -13.85 -1.37
C PHE A 186 -9.26 -14.80 -2.41
N ALA A 187 -9.18 -16.10 -2.16
CA ALA A 187 -9.75 -17.06 -3.11
C ALA A 187 -11.29 -17.01 -3.11
N LEU A 188 -11.89 -16.78 -1.94
CA LEU A 188 -13.34 -16.69 -1.83
C LEU A 188 -13.89 -15.55 -2.70
N LEU A 189 -13.41 -14.33 -2.45
CA LEU A 189 -13.89 -13.19 -3.23
C LEU A 189 -13.55 -13.39 -4.70
N GLN A 190 -12.35 -13.88 -4.98
CA GLN A 190 -11.94 -14.11 -6.36
C GLN A 190 -12.83 -15.07 -7.13
N SER A 191 -13.44 -16.04 -6.45
CA SER A 191 -14.30 -16.98 -7.16
C SER A 191 -15.61 -16.38 -7.65
N ARG A 192 -15.86 -15.11 -7.31
CA ARG A 192 -17.07 -14.41 -7.68
C ARG A 192 -16.87 -13.29 -8.73
N LEU A 193 -15.64 -12.83 -8.92
CA LEU A 193 -15.39 -11.74 -9.88
C LEU A 193 -14.97 -12.23 -11.27
N PRO A 194 -15.52 -11.61 -12.33
CA PRO A 194 -15.18 -11.97 -13.72
C PRO A 194 -13.82 -11.36 -14.11
N PHE A 195 -13.27 -10.52 -13.24
CA PHE A 195 -11.96 -9.91 -13.44
C PHE A 195 -10.98 -10.34 -12.33
N THR A 196 -9.69 -10.24 -12.60
CA THR A 196 -8.65 -10.64 -11.65
C THR A 196 -8.27 -9.64 -10.56
N LEU A 197 -8.36 -10.06 -9.30
CA LEU A 197 -7.98 -9.21 -8.19
C LEU A 197 -6.57 -8.80 -8.51
N ALA A 198 -6.33 -7.49 -8.59
CA ALA A 198 -5.06 -6.91 -8.95
C ALA A 198 -3.95 -6.86 -7.89
N THR A 199 -4.31 -7.15 -6.64
CA THR A 199 -3.31 -7.11 -5.57
C THR A 199 -3.92 -7.43 -4.22
N ASN A 200 -3.04 -7.64 -3.25
CA ASN A 200 -3.40 -7.89 -1.87
C ASN A 200 -2.38 -7.03 -1.10
N GLN A 201 -2.75 -5.78 -0.81
CA GLN A 201 -1.87 -4.87 -0.10
C GLN A 201 -1.73 -5.37 1.34
N VAL A 202 -0.52 -5.78 1.69
CA VAL A 202 -0.23 -6.33 3.00
C VAL A 202 1.00 -5.72 3.67
N GLU A 203 1.18 -6.04 4.95
CA GLU A 203 2.31 -5.53 5.73
C GLU A 203 3.48 -6.53 5.67
N ILE A 204 4.63 -6.08 5.18
CA ILE A 204 5.81 -6.93 5.08
C ILE A 204 7.07 -6.23 5.54
N SER A 205 7.77 -6.82 6.50
CA SER A 205 9.01 -6.26 7.00
C SER A 205 9.67 -7.18 8.03
N PRO A 206 10.94 -6.92 8.36
CA PRO A 206 11.62 -7.77 9.33
C PRO A 206 10.81 -7.89 10.63
N VAL A 207 10.17 -6.79 11.04
CA VAL A 207 9.37 -6.78 12.25
C VAL A 207 8.04 -7.54 12.12
N HIS A 208 7.58 -7.71 10.89
CA HIS A 208 6.31 -8.40 10.61
C HIS A 208 6.52 -9.35 9.44
N GLN A 209 6.89 -10.60 9.73
CA GLN A 209 7.13 -11.58 8.68
C GLN A 209 6.15 -12.74 8.64
N PRO A 210 5.02 -12.63 9.34
CA PRO A 210 4.12 -13.77 9.26
C PRO A 210 3.75 -14.12 7.82
N LEU A 211 3.43 -13.11 7.03
CA LEU A 211 3.04 -13.33 5.64
C LEU A 211 4.06 -14.09 4.80
N LEU A 212 5.27 -14.25 5.33
CA LEU A 212 6.30 -14.96 4.59
C LEU A 212 6.17 -16.48 4.67
N LEU A 213 5.43 -16.96 5.68
CA LEU A 213 5.25 -18.41 5.86
C LEU A 213 3.82 -18.94 5.91
N ASP A 214 2.82 -18.07 5.98
CA ASP A 214 1.45 -18.56 6.06
C ASP A 214 0.72 -18.78 4.73
N GLY A 215 1.44 -18.74 3.61
CA GLY A 215 0.81 -18.96 2.32
C GLY A 215 0.46 -17.72 1.53
N THR A 216 0.29 -16.60 2.22
CA THR A 216 -0.07 -15.35 1.58
C THR A 216 0.80 -14.93 0.39
N LEU A 217 2.11 -14.97 0.54
CA LEU A 217 2.98 -14.55 -0.56
C LEU A 217 3.15 -15.61 -1.65
N ASP A 218 2.91 -16.87 -1.30
CA ASP A 218 3.04 -17.94 -2.28
C ASP A 218 1.85 -17.89 -3.22
N GLN A 219 0.69 -17.55 -2.66
CA GLN A 219 -0.52 -17.47 -3.46
C GLN A 219 -0.34 -16.34 -4.45
N LEU A 220 0.20 -15.25 -3.96
CA LEU A 220 0.42 -14.10 -4.83
C LEU A 220 1.38 -14.43 -5.95
N GLN A 221 2.54 -14.99 -5.61
CA GLN A 221 3.51 -15.33 -6.63
C GLN A 221 2.92 -16.33 -7.61
N GLN A 222 2.15 -17.28 -7.08
CA GLN A 222 1.55 -18.32 -7.91
C GLN A 222 0.56 -17.78 -8.93
N LEU A 223 -0.24 -16.79 -8.51
CA LEU A 223 -1.22 -16.19 -9.38
C LEU A 223 -0.62 -15.04 -10.19
N ARG A 224 0.61 -14.67 -9.84
CA ARG A 224 1.36 -13.57 -10.49
C ARG A 224 0.74 -12.22 -10.19
N VAL A 225 0.19 -12.10 -8.98
CA VAL A 225 -0.43 -10.86 -8.53
C VAL A 225 0.58 -10.24 -7.57
N ARG A 226 1.00 -9.02 -7.86
CA ARG A 226 2.00 -8.36 -7.03
C ARG A 226 1.39 -7.56 -5.89
N PRO A 227 1.87 -7.82 -4.66
CA PRO A 227 1.42 -7.16 -3.43
C PRO A 227 1.96 -5.76 -3.16
N ALA A 229 3.10 -3.46 -0.64
CA ALA A 229 3.56 -3.67 0.72
C ALA A 229 3.80 -2.41 1.52
N TRP A 230 3.21 -2.36 2.72
CA TRP A 230 3.41 -1.21 3.59
C TRP A 230 4.17 -1.66 4.82
N SER A 231 5.10 -0.82 5.27
CA SER A 231 5.90 -1.10 6.45
C SER A 231 5.89 0.12 7.34
N CYS A 232 5.21 0.02 8.49
CA CYS A 232 5.14 1.14 9.42
C CYS A 232 6.57 1.55 9.76
N LEU A 233 7.16 2.36 8.87
CA LEU A 233 8.53 2.83 9.02
C LEU A 233 8.70 4.07 9.89
N GLY A 234 8.27 5.22 9.38
CA GLY A 234 8.41 6.46 10.13
C GLY A 234 7.71 6.45 11.48
N GLY A 235 7.22 5.29 11.89
CA GLY A 235 6.53 5.19 13.17
C GLY A 235 7.47 5.21 14.35
N GLY A 236 8.71 4.80 14.12
CA GLY A 236 9.68 4.77 15.20
C GLY A 236 9.60 3.49 16.00
N ARG A 237 9.30 2.39 15.30
CA ARG A 237 9.19 1.10 15.94
C ARG A 237 10.58 0.52 16.17
N LEU A 238 11.42 1.31 16.81
CA LEU A 238 12.78 0.96 17.16
C LEU A 238 13.21 2.07 18.11
N PHE A 239 14.29 1.83 18.85
CA PHE A 239 14.80 2.82 19.79
C PHE A 239 13.82 3.02 20.96
N ASN A 240 12.63 2.43 20.82
CA ASN A 240 11.61 2.51 21.86
C ASN A 240 10.80 1.22 21.89
N ASP A 241 11.54 0.12 21.88
CA ASP A 241 11.01 -1.24 21.91
C ASP A 241 12.22 -2.13 21.67
N ASP A 242 13.11 -2.16 22.67
CA ASP A 242 14.34 -2.93 22.60
C ASP A 242 14.15 -4.38 22.20
N TYR A 243 12.91 -4.80 21.99
CA TYR A 243 12.67 -6.17 21.57
C TYR A 243 13.34 -6.37 20.21
N PHE A 244 13.42 -5.30 19.43
CA PHE A 244 14.04 -5.37 18.11
C PHE A 244 15.33 -4.58 18.01
N GLN A 245 16.09 -4.58 19.10
CA GLN A 245 17.37 -3.89 19.11
C GLN A 245 18.30 -4.73 18.24
N PRO A 246 18.23 -6.08 18.40
CA PRO A 246 19.08 -6.96 17.61
C PRO A 246 18.89 -6.76 16.12
N LEU A 247 17.68 -6.37 15.72
CA LEU A 247 17.37 -6.13 14.32
C LEU A 247 17.90 -4.74 13.96
N ARG A 248 17.89 -3.86 14.95
CA ARG A 248 18.36 -2.50 14.79
C ARG A 248 19.87 -2.60 14.49
N ASP A 249 20.56 -3.36 15.33
CA ASP A 249 22.00 -3.56 15.20
C ASP A 249 22.37 -4.24 13.88
N GLU A 250 21.51 -5.15 13.42
CA GLU A 250 21.79 -5.86 12.18
C GLU A 250 21.49 -5.04 10.92
N LEU A 251 20.41 -4.27 10.96
CA LEU A 251 20.06 -3.44 9.84
C LEU A 251 21.11 -2.36 9.70
N ALA A 252 21.81 -2.09 10.81
CA ALA A 252 22.85 -1.06 10.86
C ALA A 252 24.15 -1.51 10.18
N VAL A 253 24.60 -2.71 10.49
CA VAL A 253 25.84 -3.23 9.89
C VAL A 253 25.65 -3.52 8.40
N VAL A 254 24.55 -4.19 8.07
CA VAL A 254 24.24 -4.51 6.67
C VAL A 254 24.20 -3.22 5.85
N ALA A 255 23.72 -2.16 6.49
CA ALA A 255 23.63 -0.85 5.85
C ALA A 255 25.03 -0.37 5.42
N GLU A 256 26.03 -0.51 6.28
CA GLU A 256 27.40 -0.10 5.94
C GLU A 256 27.96 -1.02 4.85
N GLU A 257 27.67 -2.31 4.97
CA GLU A 257 28.14 -3.28 3.98
C GLU A 257 27.65 -2.92 2.60
N LEU A 258 26.41 -2.46 2.52
CA LEU A 258 25.82 -2.08 1.24
C LEU A 258 26.08 -0.61 0.98
N ASN A 259 26.73 0.04 1.93
CA ASN A 259 27.04 1.46 1.84
C ASN A 259 25.80 2.22 1.41
N ALA A 260 24.68 1.91 2.06
CA ALA A 260 23.40 2.53 1.79
C ALA A 260 23.24 3.87 2.48
N GLY A 261 22.27 4.65 2.01
CA GLY A 261 22.01 5.96 2.57
C GLY A 261 21.51 5.90 4.00
N SER A 262 20.70 4.89 4.31
CA SER A 262 20.12 4.76 5.65
C SER A 262 19.57 3.36 5.89
N ILE A 263 19.35 3.02 7.16
CA ILE A 263 18.83 1.70 7.50
C ILE A 263 17.43 1.54 6.94
N GLU A 264 16.73 2.65 6.74
CA GLU A 264 15.39 2.60 6.19
C GLU A 264 15.50 2.14 4.76
N GLN A 265 16.60 2.52 4.10
CA GLN A 265 16.85 2.14 2.71
C GLN A 265 17.16 0.65 2.63
N VAL A 266 17.82 0.11 3.65
CA VAL A 266 18.14 -1.31 3.68
C VAL A 266 16.83 -2.08 3.85
N VAL A 267 15.89 -1.51 4.58
CA VAL A 267 14.59 -2.15 4.81
C VAL A 267 13.77 -2.22 3.53
N ASN A 268 13.70 -1.11 2.80
CA ASN A 268 12.97 -1.07 1.54
C ASN A 268 13.52 -2.11 0.54
N ALA A 269 14.82 -2.31 0.55
CA ALA A 269 15.46 -3.26 -0.34
C ALA A 269 15.24 -4.72 0.11
N TRP A 270 15.01 -4.90 1.41
CA TRP A 270 14.78 -6.21 1.97
C TRP A 270 13.44 -6.72 1.44
N VAL A 271 12.48 -5.81 1.36
CA VAL A 271 11.14 -6.10 0.87
C VAL A 271 11.20 -6.33 -0.63
N LEU A 272 11.91 -5.44 -1.34
CA LEU A 272 12.03 -5.57 -2.78
C LEU A 272 12.60 -6.90 -3.25
N ARG A 273 13.37 -7.56 -2.39
CA ARG A 273 13.99 -8.84 -2.72
C ARG A 273 13.01 -10.01 -2.73
N LEU A 274 11.89 -9.90 -2.01
CA LEU A 274 10.90 -10.97 -1.99
C LEU A 274 10.52 -11.40 -3.41
N PRO A 275 10.48 -12.73 -3.67
CA PRO A 275 10.13 -13.28 -4.98
C PRO A 275 8.78 -12.86 -5.50
N SER A 276 7.90 -12.43 -4.60
CA SER A 276 6.57 -11.98 -5.00
C SER A 276 6.61 -10.58 -5.64
N GLN A 277 7.78 -9.94 -5.59
CA GLN A 277 7.95 -8.60 -6.18
C GLN A 277 6.93 -7.61 -5.62
N PRO A 278 6.92 -7.42 -4.30
CA PRO A 278 5.95 -6.47 -3.73
C PRO A 278 6.30 -5.06 -4.14
N LEU A 279 5.30 -4.18 -4.14
CA LEU A 279 5.50 -2.78 -4.48
C LEU A 279 5.53 -2.08 -3.14
N PRO A 280 6.71 -1.66 -2.68
CA PRO A 280 6.79 -0.99 -1.39
C PRO A 280 6.10 0.37 -1.37
N ILE A 281 5.31 0.60 -0.31
CA ILE A 281 4.59 1.85 -0.16
C ILE A 281 5.43 2.77 0.72
N ILE A 282 5.58 4.02 0.29
CA ILE A 282 6.38 4.96 1.06
C ILE A 282 5.51 5.95 1.84
N GLY A 283 5.82 6.08 3.14
CA GLY A 283 5.09 7.01 3.98
C GLY A 283 6.02 8.10 4.49
N SER A 284 6.20 9.16 3.70
CA SER A 284 7.07 10.25 4.11
C SER A 284 6.55 11.55 3.54
N GLY A 285 7.04 12.66 4.09
CA GLY A 285 6.59 13.94 3.60
C GLY A 285 7.69 14.78 3.00
N LYS A 286 8.83 14.15 2.72
CA LYS A 286 9.94 14.88 2.13
C LYS A 286 10.50 14.17 0.91
N ILE A 287 10.46 14.87 -0.22
CA ILE A 287 10.95 14.33 -1.48
C ILE A 287 12.35 13.72 -1.36
N GLU A 288 13.19 14.30 -0.50
CA GLU A 288 14.55 13.78 -0.32
C GLU A 288 14.55 12.37 0.26
N ARG A 289 13.70 12.12 1.25
CA ARG A 289 13.61 10.80 1.85
C ARG A 289 12.90 9.90 0.85
N VAL A 290 12.00 10.48 0.07
CA VAL A 290 11.28 9.74 -0.96
C VAL A 290 12.30 9.28 -1.99
N ARG A 291 13.23 10.18 -2.31
CA ARG A 291 14.28 9.89 -3.29
C ARG A 291 15.12 8.73 -2.75
N ALA A 292 15.53 8.87 -1.50
CA ALA A 292 16.34 7.86 -0.81
C ALA A 292 15.64 6.50 -0.80
N ALA A 293 14.32 6.52 -0.68
CA ALA A 293 13.54 5.30 -0.66
C ALA A 293 13.64 4.58 -2.00
N VAL A 294 13.41 5.34 -3.07
CA VAL A 294 13.48 4.84 -4.43
C VAL A 294 14.89 4.38 -4.77
N GLU A 295 15.87 4.90 -4.03
CA GLU A 295 17.26 4.55 -4.23
C GLU A 295 17.55 3.12 -3.80
N ALA A 296 16.58 2.49 -3.15
CA ALA A 296 16.78 1.12 -2.70
C ALA A 296 16.82 0.14 -3.86
N GLU A 297 16.50 0.60 -5.07
CA GLU A 297 16.51 -0.30 -6.22
C GLU A 297 17.94 -0.55 -6.72
N THR A 298 18.92 0.05 -6.07
CA THR A 298 20.31 -0.12 -6.49
C THR A 298 21.22 -0.74 -5.44
N LEU A 299 20.64 -1.27 -4.36
CA LEU A 299 21.43 -1.91 -3.34
C LEU A 299 21.49 -3.36 -3.73
N LYS A 300 22.70 -3.93 -3.79
CA LYS A 300 22.87 -5.33 -4.18
C LYS A 300 22.91 -6.25 -2.96
N THR A 302 22.74 -9.36 -0.66
CA THR A 302 23.08 -10.76 -0.86
C THR A 302 22.10 -11.62 -0.07
N ARG A 303 21.87 -12.86 -0.54
CA ARG A 303 20.95 -13.76 0.15
C ARG A 303 21.33 -13.84 1.61
N GLN A 304 22.63 -13.93 1.84
CA GLN A 304 23.18 -14.01 3.19
C GLN A 304 22.80 -12.77 3.99
N GLN A 305 22.80 -11.60 3.34
CA GLN A 305 22.42 -10.37 4.04
C GLN A 305 20.92 -10.32 4.30
N TRP A 306 20.13 -10.95 3.43
CA TRP A 306 18.68 -10.98 3.61
C TRP A 306 18.36 -11.84 4.83
N PHE A 307 18.93 -13.04 4.87
CA PHE A 307 18.69 -13.95 5.97
C PHE A 307 19.20 -13.44 7.30
N ARG A 308 20.37 -12.81 7.29
CA ARG A 308 20.95 -12.28 8.51
C ARG A 308 20.03 -11.20 9.11
N ILE A 309 19.47 -10.36 8.24
CA ILE A 309 18.55 -9.33 8.69
C ILE A 309 17.37 -10.07 9.27
N ARG A 310 16.72 -10.85 8.41
CA ARG A 310 15.57 -11.64 8.79
C ARG A 310 15.76 -12.31 10.14
N LYS A 311 16.83 -13.10 10.25
CA LYS A 311 17.11 -13.84 11.49
C LYS A 311 17.23 -13.02 12.77
N ALA A 312 17.80 -11.82 12.68
CA ALA A 312 17.96 -10.95 13.84
C ALA A 312 16.61 -10.47 14.36
N ALA A 313 15.66 -10.30 13.45
CA ALA A 313 14.31 -9.87 13.81
C ALA A 313 13.61 -10.98 14.57
N LEU A 314 13.88 -12.21 14.13
CA LEU A 314 13.30 -13.41 14.72
C LEU A 314 14.07 -13.81 15.97
N GLY A 315 15.27 -14.33 15.77
CA GLY A 315 16.12 -14.77 16.86
C GLY A 315 16.67 -16.17 16.67
N TYR A 316 16.43 -16.76 15.50
CA TYR A 316 16.90 -18.12 15.21
C TYR A 316 17.09 -18.37 13.71
N ASP A 317 17.78 -19.46 13.38
CA ASP A 317 18.09 -19.84 11.99
C ASP A 317 16.98 -20.53 11.20
N VAL A 318 17.38 -21.23 10.14
CA VAL A 318 16.47 -21.97 9.25
C VAL A 318 15.57 -21.03 8.43
N PRO A 319 16.09 -20.44 7.45
#